data_8UGT
#
_entry.id   8UGT
#
_cell.length_a   179.938
_cell.length_b   179.938
_cell.length_c   132.792
_cell.angle_alpha   90.000
_cell.angle_beta   90.000
_cell.angle_gamma   120.000
#
_symmetry.space_group_name_H-M   'P 64 2 2'
#
loop_
_entity.id
_entity.type
_entity.pdbx_description
1 polymer Beta-glucuronidase
2 non-polymer "8-(4-beta-D-glucopyranuronosylpiperazin-1-yl)-5-(methylamino)-1,2,3,4-tetrahydro[1,2,3]triazino[4',5':4,5]thieno[2,3-c]isoquinoline"
3 non-polymer "N-methyl-8-(piperazin-1-yl)-1,2,3,4-tetrahydro[1,2,3]triazino[4',5':4,5]thieno[2,3-c]isoquinolin-5-amine"
4 non-polymer GLYCEROL
#
_entity_poly.entity_id   1
_entity_poly.type   'polypeptide(L)'
_entity_poly.pdbx_seq_one_letter_code
;SNAMLYPVLTQSRLLSDLSGVWNFKLDNGKGFEEKWYEKPLKDADTMPVPASYNDLKEGTDFRDHYGWVFYQRNISVPEY
VKSQRIVLRCAAVTHYAMIYLNGKLICEHKGGFLPFEVELNDDLQDGDNLLTIAVNNVIDYTTLPVGGKANMMSGMMGGM
GAGASDKPQNNPNFDFFNYCGITRPVKIYTTPETYINDITVTADIDFTKEEPSAVLNYNVEIKGKDYNNITCKVELFDEE
GTKLSETEGSEGTFEISNVRLWQPLNAYLYKIKVTAGQDVYTLPYGVRSVRVDGTKFLINEKPFYFKGYGKHEDTFPNGR
GINLPMNTKDISIMKWQHANSFRTSHYPYSEEMMRLCDEEGIVVIDETTAVGVNLQFGGGANFGGERIGTFDKEHGVQTQ
EHHKDVIRDLISRDKNHACVVMWSIANEPDSAAEGAYDYFKPLYDLARELDPQKRPCTLVSVQGTTADTDCSSQLSDVIC
LNRYYGWYFGGPDLEVSETGLRKELSDWGKLGKPVMFTEYGADTVSGLHDTTSVMYTEEYQVEYYEMNNKVFDEFDFVVG
EQAWNFADFATSQSLLRVQGNKKGLFTRDRKPKMVAHYFRNRWSAIPEFGYKTK
;
_entity_poly.pdbx_strand_id   A
#
loop_
_chem_comp.id
_chem_comp.type
_chem_comp.name
_chem_comp.formula
GOL non-polymer GLYCEROL 'C3 H8 O3'
WOF non-polymer 8-(4-beta-D-glucopyranuronosylpiperazin-1-yl)-5-(methylamino)-1,2,3,4-tetrahydro[1,2,3]triazino[4',5':4,5]thieno[2,3-c]isoquinoline 'C23 H29 N7 O6 S'
WR8 non-polymer N-methyl-8-(piperazin-1-yl)-1,2,3,4-tetrahydro[1,2,3]triazino[4',5':4,5]thieno[2,3-c]isoquinolin-5-amine 'C17 H21 N7 S'
#
# COMPACT_ATOMS: atom_id res chain seq x y z
N ALA A 3 2.24 1.24 -17.09
CA ALA A 3 0.93 1.82 -16.85
C ALA A 3 -0.09 0.71 -16.66
N MET A 4 -0.96 0.86 -15.66
CA MET A 4 -1.94 -0.18 -15.32
C MET A 4 -3.24 0.49 -14.89
N LEU A 5 -4.25 0.45 -15.75
CA LEU A 5 -5.58 0.93 -15.40
C LEU A 5 -6.33 -0.16 -14.66
N TYR A 6 -7.21 0.26 -13.75
CA TYR A 6 -7.98 -0.72 -12.99
C TYR A 6 -9.02 -1.36 -13.90
N PRO A 7 -8.92 -2.67 -14.18
CA PRO A 7 -9.89 -3.33 -15.02
C PRO A 7 -11.31 -3.10 -14.48
N VAL A 8 -12.21 -2.62 -15.32
CA VAL A 8 -13.62 -2.40 -14.92
C VAL A 8 -14.51 -2.88 -16.07
N LEU A 9 -15.83 -2.77 -15.91
CA LEU A 9 -16.76 -3.19 -16.99
C LEU A 9 -17.14 -1.94 -17.77
N THR A 10 -16.79 -1.89 -19.06
CA THR A 10 -17.14 -0.73 -19.91
C THR A 10 -17.82 -1.24 -21.18
N GLN A 11 -18.57 -0.38 -21.86
CA GLN A 11 -19.21 -0.76 -23.15
C GLN A 11 -18.13 -1.31 -24.08
N SER A 12 -16.88 -0.87 -23.92
CA SER A 12 -15.79 -1.27 -24.82
C SER A 12 -15.06 -2.51 -24.30
N ARG A 13 -15.08 -2.72 -22.98
CA ARG A 13 -14.24 -3.83 -22.44
C ARG A 13 -15.06 -4.76 -21.54
N LEU A 14 -14.75 -6.06 -21.57
CA LEU A 14 -15.42 -7.04 -20.69
C LEU A 14 -14.46 -7.43 -19.56
N LEU A 15 -14.98 -8.06 -18.50
CA LEU A 15 -14.15 -8.46 -17.35
C LEU A 15 -14.68 -9.77 -16.82
N SER A 16 -13.83 -10.80 -16.76
CA SER A 16 -14.26 -12.09 -16.21
C SER A 16 -13.28 -12.54 -15.14
N ASP A 17 -13.75 -12.67 -13.90
CA ASP A 17 -12.91 -13.06 -12.78
C ASP A 17 -12.55 -14.53 -12.84
N LEU A 18 -11.29 -14.87 -12.57
CA LEU A 18 -10.90 -16.27 -12.52
C LEU A 18 -10.85 -16.82 -11.10
N SER A 19 -11.31 -16.04 -10.12
CA SER A 19 -11.23 -16.43 -8.72
C SER A 19 -12.11 -17.64 -8.44
N GLY A 20 -11.69 -18.44 -7.47
CA GLY A 20 -12.37 -19.69 -7.14
C GLY A 20 -11.37 -20.68 -6.56
N VAL A 21 -11.77 -21.94 -6.51
CA VAL A 21 -10.91 -23.00 -6.02
C VAL A 21 -10.08 -23.53 -7.18
N TRP A 22 -8.77 -23.27 -7.14
CA TRP A 22 -7.85 -23.78 -8.15
C TRP A 22 -7.14 -25.02 -7.63
N ASN A 23 -6.57 -25.77 -8.57
CA ASN A 23 -5.70 -26.88 -8.22
C ASN A 23 -4.37 -26.31 -7.73
N PHE A 24 -3.68 -27.08 -6.90
CA PHE A 24 -2.57 -26.50 -6.17
C PHE A 24 -1.69 -27.63 -5.69
N LYS A 25 -0.38 -27.46 -5.85
CA LYS A 25 0.59 -28.44 -5.40
C LYS A 25 1.83 -27.70 -4.92
N LEU A 26 2.38 -28.15 -3.79
CA LEU A 26 3.65 -27.65 -3.28
C LEU A 26 4.78 -28.27 -4.09
N ASP A 27 5.68 -27.43 -4.60
CA ASP A 27 6.84 -27.96 -5.31
C ASP A 27 7.66 -28.82 -4.37
N ASN A 28 8.11 -29.96 -4.88
CA ASN A 28 8.96 -30.90 -4.14
C ASN A 28 10.42 -30.84 -4.57
N GLY A 29 10.81 -29.78 -5.25
CA GLY A 29 12.14 -29.71 -5.84
C GLY A 29 12.17 -30.21 -7.28
N LYS A 30 11.57 -31.37 -7.52
CA LYS A 30 11.56 -31.94 -8.86
C LYS A 30 10.47 -31.35 -9.74
N GLY A 31 9.83 -30.26 -9.33
CA GLY A 31 8.67 -29.77 -10.05
C GLY A 31 8.97 -29.29 -11.45
N PHE A 32 9.91 -28.34 -11.54
CA PHE A 32 10.28 -27.77 -12.83
C PHE A 32 10.95 -28.81 -13.73
N GLU A 33 11.86 -29.61 -13.17
CA GLU A 33 12.40 -30.75 -13.92
C GLU A 33 11.27 -31.45 -14.67
N GLU A 34 10.42 -32.17 -13.95
CA GLU A 34 9.24 -32.75 -14.62
C GLU A 34 8.47 -31.53 -15.13
N LYS A 35 7.57 -31.67 -16.09
CA LYS A 35 6.94 -30.43 -16.58
C LYS A 35 5.54 -30.31 -16.01
N TRP A 36 5.44 -29.96 -14.73
CA TRP A 36 4.12 -29.86 -14.08
C TRP A 36 3.31 -28.79 -14.82
N TYR A 37 3.96 -27.73 -15.27
CA TYR A 37 3.21 -26.63 -15.92
C TYR A 37 2.68 -27.10 -17.27
N GLU A 38 2.98 -28.34 -17.64
CA GLU A 38 2.55 -28.87 -18.94
C GLU A 38 1.29 -29.72 -18.81
N LYS A 39 1.35 -30.72 -17.93
CA LYS A 39 0.23 -31.61 -17.67
C LYS A 39 -0.61 -31.09 -16.50
N PRO A 40 -1.81 -31.63 -16.31
CA PRO A 40 -2.60 -31.26 -15.13
C PRO A 40 -1.97 -31.81 -13.87
N LEU A 41 -1.87 -30.96 -12.84
CA LEU A 41 -1.28 -31.41 -11.58
C LEU A 41 -1.95 -32.69 -11.10
N LYS A 42 -1.17 -33.56 -10.49
CA LYS A 42 -1.64 -34.87 -10.12
C LYS A 42 -1.41 -35.08 -8.63
N ASP A 43 -2.38 -35.68 -7.96
CA ASP A 43 -2.46 -35.59 -6.50
C ASP A 43 -2.43 -34.13 -6.08
N ALA A 44 -3.33 -33.34 -6.65
CA ALA A 44 -3.34 -31.94 -6.32
C ALA A 44 -4.17 -31.68 -5.07
N ASP A 45 -4.06 -30.45 -4.58
CA ASP A 45 -4.83 -29.98 -3.45
C ASP A 45 -5.69 -28.80 -3.93
N THR A 46 -6.67 -28.45 -3.12
CA THR A 46 -7.59 -27.37 -3.46
C THR A 46 -7.11 -26.09 -2.80
N MET A 47 -7.35 -24.96 -3.46
CA MET A 47 -6.82 -23.72 -2.90
C MET A 47 -7.53 -22.50 -3.46
N PRO A 48 -8.31 -21.80 -2.64
CA PRO A 48 -9.03 -20.64 -3.14
C PRO A 48 -8.06 -19.58 -3.65
N VAL A 49 -8.50 -18.87 -4.68
CA VAL A 49 -7.74 -17.71 -5.21
C VAL A 49 -8.82 -16.66 -5.41
N PRO A 50 -8.69 -15.41 -4.91
CA PRO A 50 -7.45 -14.87 -4.41
C PRO A 50 -7.25 -15.06 -2.90
N ALA A 51 -6.06 -15.46 -2.46
CA ALA A 51 -5.78 -15.57 -1.01
C ALA A 51 -4.37 -16.11 -0.75
N SER A 52 -3.78 -15.70 0.38
CA SER A 52 -2.47 -16.27 0.78
C SER A 52 -2.73 -17.72 1.19
N TYR A 53 -1.85 -18.64 0.86
CA TYR A 53 -2.13 -20.07 1.11
C TYR A 53 -1.54 -20.57 2.42
N ASN A 54 -0.76 -19.74 3.11
CA ASN A 54 -0.05 -20.28 4.27
C ASN A 54 -0.98 -20.86 5.32
N ASP A 55 -2.05 -20.17 5.64
CA ASP A 55 -2.87 -20.59 6.78
C ASP A 55 -4.06 -21.45 6.37
N LEU A 56 -4.27 -21.66 5.06
CA LEU A 56 -5.44 -22.37 4.55
C LEU A 56 -5.34 -23.89 4.66
N LYS A 57 -4.25 -24.45 5.18
CA LYS A 57 -4.15 -25.87 5.43
C LYS A 57 -3.57 -26.07 6.82
N GLU A 58 -3.40 -27.33 7.23
CA GLU A 58 -2.95 -27.62 8.59
C GLU A 58 -1.51 -28.11 8.57
N GLY A 59 -0.86 -27.93 9.71
CA GLY A 59 0.52 -28.34 9.85
C GLY A 59 1.47 -27.26 9.38
N THR A 60 2.72 -27.38 9.83
CA THR A 60 3.77 -26.44 9.44
C THR A 60 4.20 -26.58 7.98
N ASP A 61 3.82 -27.67 7.31
CA ASP A 61 4.34 -27.94 5.96
C ASP A 61 3.81 -26.94 4.96
N PHE A 62 2.54 -26.56 5.08
CA PHE A 62 2.06 -25.44 4.29
C PHE A 62 2.57 -24.13 4.88
N ARG A 63 2.44 -23.97 6.19
CA ARG A 63 2.67 -22.66 6.76
C ARG A 63 4.10 -22.21 6.50
N ASP A 64 5.06 -23.14 6.54
CA ASP A 64 6.47 -22.76 6.54
C ASP A 64 7.21 -23.26 5.30
N HIS A 65 6.51 -23.47 4.19
CA HIS A 65 7.12 -23.99 2.97
C HIS A 65 8.17 -23.03 2.43
N TYR A 66 9.33 -23.57 2.08
CA TYR A 66 10.38 -22.81 1.40
C TYR A 66 10.31 -23.11 -0.09
N GLY A 67 10.07 -22.08 -0.89
CA GLY A 67 10.21 -22.27 -2.32
C GLY A 67 9.04 -21.98 -3.23
N TRP A 68 8.70 -22.95 -4.08
CA TRP A 68 7.69 -22.81 -5.11
C TRP A 68 6.41 -23.55 -4.76
N VAL A 69 5.29 -23.03 -5.26
CA VAL A 69 4.00 -23.71 -5.28
C VAL A 69 3.45 -23.56 -6.68
N PHE A 70 2.54 -24.45 -7.05
CA PHE A 70 1.95 -24.45 -8.38
C PHE A 70 0.43 -24.31 -8.26
N TYR A 71 -0.08 -23.15 -8.66
CA TYR A 71 -1.52 -22.97 -8.93
C TYR A 71 -1.81 -23.39 -10.35
N GLN A 72 -2.97 -24.00 -10.56
CA GLN A 72 -3.31 -24.50 -11.88
C GLN A 72 -4.82 -24.52 -12.05
N ARG A 73 -5.30 -23.93 -13.13
CA ARG A 73 -6.72 -23.87 -13.42
C ARG A 73 -6.92 -23.88 -14.92
N ASN A 74 -8.10 -24.35 -15.34
CA ASN A 74 -8.41 -24.43 -16.75
C ASN A 74 -9.07 -23.15 -17.21
N ILE A 75 -8.83 -22.81 -18.48
CA ILE A 75 -9.37 -21.53 -19.04
C ILE A 75 -10.02 -21.83 -20.39
N SER A 76 -11.00 -21.03 -20.77
CA SER A 76 -11.74 -21.25 -22.04
C SER A 76 -12.51 -19.98 -22.41
N VAL A 77 -12.15 -19.36 -23.54
CA VAL A 77 -12.82 -18.12 -23.98
C VAL A 77 -13.71 -18.43 -25.19
N PRO A 78 -14.80 -17.68 -25.42
CA PRO A 78 -15.64 -17.90 -26.60
C PRO A 78 -14.96 -17.34 -27.86
N GLU A 79 -14.71 -18.20 -28.85
CA GLU A 79 -14.02 -17.77 -30.09
C GLU A 79 -14.51 -16.39 -30.52
N TYR A 80 -15.80 -16.13 -30.35
CA TYR A 80 -16.35 -14.83 -30.80
C TYR A 80 -15.67 -13.66 -30.07
N VAL A 81 -14.60 -13.94 -29.34
CA VAL A 81 -13.91 -12.86 -28.56
C VAL A 81 -12.55 -12.58 -29.21
N LYS A 82 -11.97 -13.58 -29.87
CA LYS A 82 -10.65 -13.39 -30.51
C LYS A 82 -10.69 -12.05 -31.26
N SER A 83 -11.87 -11.63 -31.69
CA SER A 83 -12.00 -10.32 -32.30
C SER A 83 -11.19 -9.29 -31.53
N GLN A 84 -11.46 -9.17 -30.23
CA GLN A 84 -10.83 -8.14 -29.41
C GLN A 84 -9.55 -8.67 -28.77
N ARG A 85 -8.80 -7.75 -28.17
CA ARG A 85 -7.56 -8.10 -27.47
C ARG A 85 -7.90 -8.81 -26.16
N ILE A 86 -7.18 -9.90 -25.88
CA ILE A 86 -7.37 -10.70 -24.65
C ILE A 86 -6.15 -10.49 -23.76
N VAL A 87 -6.39 -10.16 -22.49
CA VAL A 87 -5.32 -9.87 -21.54
C VAL A 87 -5.57 -10.57 -20.21
N LEU A 88 -4.50 -10.97 -19.55
CA LEU A 88 -4.52 -11.60 -18.23
C LEU A 88 -3.88 -10.64 -17.24
N ARG A 89 -4.67 -10.13 -16.30
CA ARG A 89 -4.16 -9.21 -15.28
C ARG A 89 -4.05 -9.93 -13.94
N CYS A 90 -2.81 -10.02 -13.45
CA CYS A 90 -2.57 -10.61 -12.12
C CYS A 90 -2.35 -9.41 -11.20
N ALA A 91 -3.29 -9.14 -10.30
CA ALA A 91 -3.20 -7.92 -9.47
C ALA A 91 -2.06 -8.03 -8.46
N ALA A 92 -1.71 -9.25 -8.05
CA ALA A 92 -0.55 -9.41 -7.14
C ALA A 92 -0.25 -10.88 -6.87
N VAL A 93 0.94 -11.34 -7.24
CA VAL A 93 1.38 -12.71 -6.88
C VAL A 93 2.56 -12.48 -5.93
N THR A 94 2.42 -12.85 -4.65
CA THR A 94 3.48 -12.46 -3.68
C THR A 94 4.84 -13.04 -4.04
N HIS A 95 5.80 -12.15 -4.27
CA HIS A 95 7.19 -12.52 -4.64
C HIS A 95 7.25 -12.78 -6.14
N TYR A 96 7.70 -13.96 -6.58
CA TYR A 96 7.90 -14.18 -8.04
C TYR A 96 6.77 -14.96 -8.67
N ALA A 97 6.33 -14.49 -9.84
CA ALA A 97 5.25 -15.18 -10.59
C ALA A 97 5.79 -15.69 -11.92
N MET A 98 5.21 -16.78 -12.42
CA MET A 98 5.61 -17.34 -13.69
C MET A 98 4.39 -18.00 -14.32
N ILE A 99 3.83 -17.37 -15.35
CA ILE A 99 2.61 -17.83 -16.00
C ILE A 99 2.95 -18.77 -17.15
N TYR A 100 2.30 -19.94 -17.18
CA TYR A 100 2.38 -20.88 -18.30
C TYR A 100 0.99 -21.09 -18.87
N LEU A 101 0.88 -21.08 -20.20
CA LEU A 101 -0.36 -21.43 -20.87
C LEU A 101 -0.11 -22.61 -21.80
N ASN A 102 -0.90 -23.67 -21.64
CA ASN A 102 -0.80 -24.86 -22.52
C ASN A 102 0.60 -25.44 -22.39
N GLY A 103 1.43 -24.87 -21.50
CA GLY A 103 2.76 -25.45 -21.24
C GLY A 103 3.88 -24.48 -21.53
N LYS A 104 3.55 -23.32 -22.08
CA LYS A 104 4.61 -22.35 -22.48
C LYS A 104 4.62 -21.18 -21.50
N LEU A 105 5.81 -20.71 -21.13
CA LEU A 105 5.87 -19.51 -20.28
C LEU A 105 5.33 -18.35 -21.11
N ILE A 106 4.56 -17.46 -20.49
CA ILE A 106 3.94 -16.32 -21.23
C ILE A 106 4.38 -15.03 -20.54
N CYS A 107 4.56 -15.07 -19.22
CA CYS A 107 4.94 -13.85 -18.47
C CYS A 107 5.78 -14.21 -17.25
N GLU A 108 6.45 -13.21 -16.68
CA GLU A 108 7.27 -13.41 -15.47
C GLU A 108 7.28 -12.09 -14.72
N HIS A 109 7.30 -12.12 -13.39
CA HIS A 109 7.20 -10.89 -12.61
C HIS A 109 7.97 -11.04 -11.30
N LYS A 110 8.48 -9.92 -10.81
CA LYS A 110 9.17 -9.82 -9.53
C LYS A 110 8.48 -8.71 -8.76
N GLY A 111 8.16 -8.95 -7.49
CA GLY A 111 7.39 -7.95 -6.77
C GLY A 111 6.01 -8.44 -6.41
N GLY A 112 5.78 -8.64 -5.13
CA GLY A 112 4.60 -9.34 -4.68
C GLY A 112 3.36 -8.51 -4.47
N PHE A 113 3.43 -7.19 -4.68
CA PHE A 113 2.32 -6.34 -4.24
C PHE A 113 1.86 -5.33 -5.31
N LEU A 114 2.19 -5.56 -6.57
CA LEU A 114 1.79 -4.64 -7.62
C LEU A 114 1.33 -5.42 -8.84
N PRO A 115 0.48 -4.83 -9.67
CA PRO A 115 -0.13 -5.58 -10.78
C PRO A 115 0.80 -5.73 -11.97
N PHE A 116 0.54 -6.78 -12.75
CA PHE A 116 1.25 -7.03 -14.00
C PHE A 116 0.34 -7.84 -14.94
N GLU A 117 0.41 -7.51 -16.23
CA GLU A 117 -0.45 -8.18 -17.22
C GLU A 117 0.35 -8.84 -18.34
N VAL A 118 -0.34 -9.60 -19.18
CA VAL A 118 0.22 -10.34 -20.30
C VAL A 118 -0.91 -10.63 -21.27
N GLU A 119 -0.63 -10.53 -22.57
CA GLU A 119 -1.66 -10.74 -23.58
C GLU A 119 -1.72 -12.20 -24.01
N LEU A 120 -2.90 -12.61 -24.44
CA LEU A 120 -3.19 -14.01 -24.69
C LEU A 120 -3.61 -14.32 -26.11
N ASN A 121 -3.71 -13.32 -26.99
CA ASN A 121 -4.39 -13.51 -28.27
C ASN A 121 -3.75 -14.61 -29.09
N ASP A 122 -2.42 -14.81 -28.96
CA ASP A 122 -1.64 -15.65 -29.87
C ASP A 122 -1.05 -16.89 -29.22
N ASP A 123 -1.39 -17.16 -27.95
CA ASP A 123 -1.25 -18.51 -27.43
C ASP A 123 -2.55 -19.03 -26.85
N LEU A 124 -3.61 -18.22 -26.85
CA LEU A 124 -4.91 -18.70 -26.39
C LEU A 124 -5.50 -19.70 -27.37
N GLN A 125 -5.31 -21.00 -27.09
CA GLN A 125 -5.83 -22.06 -27.96
C GLN A 125 -7.35 -22.10 -27.98
N ASP A 126 -7.93 -22.97 -28.77
CA ASP A 126 -9.37 -23.21 -28.76
C ASP A 126 -9.66 -24.44 -27.92
N GLY A 127 -10.74 -24.35 -27.11
CA GLY A 127 -11.11 -25.39 -26.20
C GLY A 127 -10.64 -24.99 -24.83
N ASP A 128 -10.17 -25.99 -24.11
CA ASP A 128 -9.82 -25.82 -22.71
C ASP A 128 -8.30 -25.72 -22.57
N ASN A 129 -7.82 -24.58 -22.05
CA ASN A 129 -6.40 -24.27 -21.91
C ASN A 129 -5.97 -24.47 -20.47
N LEU A 130 -4.74 -24.97 -20.29
CA LEU A 130 -4.17 -25.24 -18.96
C LEU A 130 -3.38 -24.02 -18.49
N LEU A 131 -4.03 -23.18 -17.66
CA LEU A 131 -3.32 -22.08 -17.02
C LEU A 131 -2.55 -22.58 -15.80
N THR A 132 -1.31 -22.11 -15.65
CA THR A 132 -0.46 -22.51 -14.53
C THR A 132 0.24 -21.26 -14.03
N ILE A 133 0.12 -21.00 -12.73
CA ILE A 133 0.83 -19.92 -12.09
C ILE A 133 1.68 -20.54 -11.00
N ALA A 134 2.99 -20.44 -11.15
CA ALA A 134 3.96 -20.92 -10.17
C ALA A 134 4.44 -19.74 -9.35
N VAL A 135 4.44 -19.87 -8.03
CA VAL A 135 4.73 -18.76 -7.15
C VAL A 135 5.90 -19.16 -6.25
N ASN A 136 6.80 -18.21 -6.04
CA ASN A 136 7.99 -18.43 -5.22
C ASN A 136 7.94 -17.48 -4.04
N ASN A 137 8.32 -17.98 -2.87
CA ASN A 137 8.22 -17.18 -1.65
C ASN A 137 9.56 -16.76 -1.09
N VAL A 138 10.65 -17.15 -1.77
CA VAL A 138 12.01 -16.89 -1.22
C VAL A 138 12.28 -15.39 -1.16
N ILE A 139 12.87 -14.95 -0.05
CA ILE A 139 13.18 -13.51 0.16
C ILE A 139 14.68 -13.41 0.46
N ASP A 140 15.34 -12.37 -0.04
CA ASP A 140 16.80 -12.23 0.14
C ASP A 140 17.21 -10.76 0.06
N TYR A 141 18.51 -10.49 -0.07
CA TYR A 141 19.02 -9.11 -0.18
C TYR A 141 18.68 -8.55 -1.57
N THR A 142 18.11 -9.39 -2.44
CA THR A 142 17.66 -8.87 -3.73
C THR A 142 16.16 -8.71 -3.83
N THR A 143 15.42 -8.97 -2.76
CA THR A 143 13.98 -8.81 -2.79
C THR A 143 13.59 -7.60 -1.96
N LEU A 144 12.50 -6.98 -2.36
CA LEU A 144 11.83 -5.99 -1.52
C LEU A 144 10.42 -6.51 -1.27
N PRO A 145 10.07 -6.94 -0.03
CA PRO A 145 10.82 -6.80 1.23
C PRO A 145 12.03 -7.74 1.33
N VAL A 146 12.87 -7.49 2.34
CA VAL A 146 14.23 -8.01 2.37
C VAL A 146 14.30 -9.25 3.24
N GLY A 147 14.65 -10.38 2.64
CA GLY A 147 14.93 -11.59 3.39
C GLY A 147 16.28 -11.51 4.05
N GLY A 148 16.33 -11.77 5.36
CA GLY A 148 17.56 -11.77 6.09
C GLY A 148 18.21 -13.13 6.12
N LYS A 149 19.34 -13.20 6.81
CA LYS A 149 20.07 -14.45 7.03
C LYS A 149 19.67 -15.14 8.34
N ALA A 150 18.84 -14.49 9.16
CA ALA A 150 18.38 -15.01 10.45
C ALA A 150 17.47 -14.02 11.20
N PRO A 168 16.58 -24.95 5.75
CA PRO A 168 16.28 -24.08 4.59
C PRO A 168 14.97 -23.32 4.80
N GLN A 169 15.08 -22.04 5.16
CA GLN A 169 13.93 -21.28 5.65
C GLN A 169 14.10 -19.80 5.32
N ASN A 170 12.99 -19.15 4.95
CA ASN A 170 12.97 -17.68 4.86
C ASN A 170 13.02 -17.07 6.25
N ASN A 171 13.89 -16.08 6.45
CA ASN A 171 13.92 -15.30 7.69
C ASN A 171 13.65 -13.84 7.35
N PRO A 172 12.42 -13.35 7.53
CA PRO A 172 12.11 -11.96 7.18
C PRO A 172 12.97 -10.99 7.98
N ASN A 173 13.50 -9.98 7.29
CA ASN A 173 14.11 -8.84 7.97
C ASN A 173 13.07 -7.74 8.18
N PHE A 174 11.87 -8.16 8.49
CA PHE A 174 10.72 -7.29 8.67
C PHE A 174 9.74 -8.00 9.59
N ASP A 175 8.93 -7.21 10.29
CA ASP A 175 8.16 -7.74 11.41
C ASP A 175 6.75 -8.15 10.99
N PHE A 176 6.58 -8.81 9.85
CA PHE A 176 5.31 -9.45 9.55
C PHE A 176 5.57 -10.79 8.86
N PHE A 177 4.54 -11.64 8.88
CA PHE A 177 4.69 -12.98 8.37
C PHE A 177 4.71 -12.96 6.84
N ASN A 178 5.40 -13.95 6.28
CA ASN A 178 5.75 -13.97 4.87
C ASN A 178 4.66 -14.68 4.04
N TYR A 179 3.45 -14.12 4.11
CA TYR A 179 2.31 -14.68 3.39
C TYR A 179 2.50 -14.56 1.89
N CYS A 180 2.29 -15.67 1.18
CA CYS A 180 2.50 -15.75 -0.25
C CYS A 180 1.42 -16.60 -0.92
N GLY A 181 1.46 -16.62 -2.25
CA GLY A 181 0.39 -17.13 -3.08
C GLY A 181 -0.22 -16.02 -3.92
N ILE A 182 -1.33 -16.34 -4.57
CA ILE A 182 -1.98 -15.36 -5.45
C ILE A 182 -2.77 -14.38 -4.59
N THR A 183 -2.06 -13.38 -4.08
CA THR A 183 -2.59 -12.54 -3.01
C THR A 183 -3.81 -11.75 -3.47
N ARG A 184 -3.80 -11.32 -4.70
CA ARG A 184 -4.94 -10.55 -5.15
C ARG A 184 -5.51 -11.24 -6.38
N PRO A 185 -6.58 -10.72 -6.99
CA PRO A 185 -7.33 -11.53 -7.96
C PRO A 185 -6.62 -11.61 -9.32
N VAL A 186 -7.05 -12.59 -10.09
CA VAL A 186 -6.60 -12.79 -11.47
C VAL A 186 -7.83 -12.71 -12.35
N LYS A 187 -7.86 -11.75 -13.26
CA LYS A 187 -9.01 -11.58 -14.14
C LYS A 187 -8.57 -11.60 -15.59
N ILE A 188 -9.57 -11.65 -16.48
CA ILE A 188 -9.40 -11.62 -17.92
C ILE A 188 -10.28 -10.51 -18.45
N TYR A 189 -9.66 -9.49 -19.01
CA TYR A 189 -10.44 -8.42 -19.64
C TYR A 189 -10.06 -8.36 -21.12
N THR A 190 -10.81 -7.60 -21.89
CA THR A 190 -10.56 -7.46 -23.32
C THR A 190 -10.65 -5.99 -23.71
N THR A 191 -10.29 -5.72 -24.97
CA THR A 191 -10.13 -4.36 -25.42
C THR A 191 -10.28 -4.34 -26.93
N PRO A 192 -10.65 -3.20 -27.51
CA PRO A 192 -10.42 -3.00 -28.94
C PRO A 192 -8.92 -3.06 -29.23
N GLU A 193 -8.60 -3.28 -30.51
CA GLU A 193 -7.22 -3.45 -30.91
C GLU A 193 -6.39 -2.20 -30.58
N THR A 194 -6.88 -1.01 -30.96
CA THR A 194 -6.33 0.26 -30.48
C THR A 194 -7.20 0.69 -29.31
N TYR A 195 -6.58 0.96 -28.16
CA TYR A 195 -7.29 1.00 -26.88
C TYR A 195 -6.75 2.15 -26.05
N ILE A 196 -7.50 2.46 -25.00
CA ILE A 196 -7.01 3.33 -23.95
C ILE A 196 -6.00 2.56 -23.11
N ASN A 197 -4.90 3.22 -22.73
CA ASN A 197 -3.84 2.49 -21.98
C ASN A 197 -3.47 3.23 -20.69
N ASP A 198 -3.51 4.56 -20.70
CA ASP A 198 -3.24 5.26 -19.43
C ASP A 198 -3.82 6.67 -19.45
N ILE A 199 -4.81 6.93 -18.60
CA ILE A 199 -5.37 8.30 -18.50
C ILE A 199 -4.65 8.98 -17.33
N THR A 200 -4.34 10.26 -17.48
CA THR A 200 -3.74 11.00 -16.39
C THR A 200 -4.51 12.30 -16.25
N VAL A 201 -4.71 12.75 -15.02
CA VAL A 201 -5.42 14.00 -14.75
C VAL A 201 -4.76 14.71 -13.59
N THR A 202 -4.59 16.02 -13.72
CA THR A 202 -4.10 16.86 -12.66
C THR A 202 -5.03 18.05 -12.55
N ALA A 203 -4.83 18.84 -11.51
CA ALA A 203 -5.76 19.92 -11.25
C ALA A 203 -5.01 21.13 -10.74
N ASP A 204 -5.50 22.31 -11.13
CA ASP A 204 -5.09 23.57 -10.53
C ASP A 204 -6.33 24.27 -10.01
N ILE A 205 -6.27 24.69 -8.75
CA ILE A 205 -7.41 25.29 -8.05
C ILE A 205 -7.04 26.72 -7.70
N ASP A 206 -8.00 27.63 -7.84
CA ASP A 206 -7.79 29.05 -7.56
C ASP A 206 -8.57 29.41 -6.31
N PHE A 207 -8.03 28.99 -5.16
CA PHE A 207 -8.76 29.23 -3.88
C PHE A 207 -9.08 30.71 -3.73
N THR A 208 -8.38 31.57 -4.47
CA THR A 208 -8.61 33.03 -4.38
C THR A 208 -10.11 33.33 -4.36
N LYS A 209 -10.82 32.96 -5.43
CA LYS A 209 -12.28 33.26 -5.53
C LYS A 209 -13.00 32.73 -4.29
N GLU A 210 -14.00 33.47 -3.80
CA GLU A 210 -14.80 32.97 -2.68
C GLU A 210 -15.56 31.70 -3.04
N GLU A 211 -15.72 31.42 -4.34
CA GLU A 211 -16.25 30.16 -4.84
C GLU A 211 -15.17 29.50 -5.70
N PRO A 212 -14.10 28.98 -5.06
CA PRO A 212 -13.01 28.35 -5.79
C PRO A 212 -13.45 27.54 -6.99
N SER A 213 -12.68 27.61 -8.07
CA SER A 213 -12.88 26.79 -9.24
C SER A 213 -11.54 26.16 -9.63
N ALA A 214 -11.52 25.42 -10.73
CA ALA A 214 -10.39 24.57 -11.03
C ALA A 214 -10.36 24.22 -12.51
N VAL A 215 -9.15 23.97 -13.02
CA VAL A 215 -8.94 23.55 -14.39
C VAL A 215 -8.16 22.25 -14.36
N LEU A 216 -8.72 21.21 -14.94
CA LEU A 216 -8.12 19.88 -14.96
C LEU A 216 -7.46 19.64 -16.31
N ASN A 217 -6.32 18.94 -16.29
CA ASN A 217 -5.55 18.69 -17.50
C ASN A 217 -5.61 17.20 -17.82
N TYR A 218 -6.22 16.86 -18.96
CA TYR A 218 -6.31 15.48 -19.41
C TYR A 218 -5.04 15.08 -20.15
N ASN A 219 -4.83 13.77 -20.26
CA ASN A 219 -3.65 13.27 -20.96
C ASN A 219 -3.88 11.80 -21.24
N VAL A 220 -4.57 11.51 -22.28
CA VAL A 220 -4.93 10.13 -22.59
C VAL A 220 -3.87 9.55 -23.49
N GLU A 221 -3.81 8.23 -23.54
CA GLU A 221 -2.79 7.50 -24.27
C GLU A 221 -3.42 6.26 -24.88
N ILE A 222 -3.05 5.98 -26.13
CA ILE A 222 -3.67 4.85 -26.87
C ILE A 222 -2.55 4.02 -27.47
N LYS A 223 -2.87 2.81 -27.96
CA LYS A 223 -1.85 1.91 -28.53
C LYS A 223 -2.50 0.94 -29.52
N GLY A 224 -1.96 0.85 -30.73
CA GLY A 224 -2.53 -0.03 -31.77
C GLY A 224 -2.66 0.70 -33.10
N ILE A 230 -6.93 8.09 -35.27
CA ILE A 230 -8.18 7.77 -34.56
C ILE A 230 -8.60 8.92 -33.64
N THR A 231 -9.90 9.02 -33.41
CA THR A 231 -10.49 10.10 -32.62
C THR A 231 -10.66 9.69 -31.16
N CYS A 232 -10.45 10.65 -30.26
CA CYS A 232 -10.61 10.44 -28.81
C CYS A 232 -11.20 11.69 -28.18
N LYS A 233 -12.33 11.52 -27.48
CA LYS A 233 -13.08 12.61 -26.83
C LYS A 233 -13.31 12.27 -25.37
N VAL A 234 -13.33 13.33 -24.55
CA VAL A 234 -13.38 13.26 -23.10
C VAL A 234 -14.71 13.83 -22.62
N GLU A 235 -15.42 13.07 -21.79
CA GLU A 235 -16.66 13.53 -21.18
C GLU A 235 -16.43 13.68 -19.68
N LEU A 236 -16.99 14.73 -19.07
CA LEU A 236 -16.84 14.99 -17.64
C LEU A 236 -18.21 15.00 -16.99
N PHE A 237 -18.43 14.11 -16.03
CA PHE A 237 -19.69 14.05 -15.28
C PHE A 237 -19.46 14.44 -13.82
N ASP A 238 -20.57 14.61 -13.09
CA ASP A 238 -20.55 14.89 -11.66
C ASP A 238 -20.99 13.65 -10.89
N GLU A 239 -21.08 13.80 -9.56
CA GLU A 239 -21.34 12.65 -8.69
C GLU A 239 -22.48 11.79 -9.22
N GLU A 240 -23.59 12.42 -9.66
CA GLU A 240 -24.82 11.70 -9.95
C GLU A 240 -24.96 11.30 -11.42
N GLY A 241 -23.93 11.50 -12.22
CA GLY A 241 -24.00 11.16 -13.64
C GLY A 241 -24.37 12.30 -14.55
N THR A 242 -24.56 13.48 -13.97
CA THR A 242 -24.88 14.68 -14.78
C THR A 242 -23.66 15.09 -15.60
N LYS A 243 -23.75 15.06 -16.93
CA LYS A 243 -22.63 15.57 -17.76
C LYS A 243 -22.49 17.07 -17.50
N LEU A 244 -21.32 17.65 -17.76
CA LEU A 244 -21.12 19.08 -17.40
C LEU A 244 -20.13 19.75 -18.35
N SER A 245 -19.43 18.96 -19.17
CA SER A 245 -18.42 19.52 -20.10
C SER A 245 -17.88 18.42 -21.02
N GLU A 246 -17.47 18.80 -22.23
CA GLU A 246 -16.88 17.83 -23.18
C GLU A 246 -15.70 18.48 -23.92
N THR A 247 -14.86 17.67 -24.55
CA THR A 247 -13.70 18.20 -25.31
C THR A 247 -13.08 17.08 -26.13
N GLU A 248 -12.13 17.41 -27.02
CA GLU A 248 -11.43 16.35 -27.76
C GLU A 248 -9.93 16.64 -27.64
N GLY A 249 -9.10 15.61 -27.63
CA GLY A 249 -7.67 15.85 -27.41
C GLY A 249 -7.02 14.81 -26.52
N SER A 250 -6.06 14.07 -27.07
CA SER A 250 -5.32 13.05 -26.28
C SER A 250 -4.43 13.78 -25.26
N GLU A 251 -4.53 15.10 -25.22
CA GLU A 251 -3.74 15.88 -24.24
C GLU A 251 -4.41 17.23 -24.02
N GLY A 252 -5.75 17.25 -24.02
CA GLY A 252 -6.50 18.51 -23.88
C GLY A 252 -6.59 18.98 -22.43
N THR A 253 -7.61 19.81 -22.13
CA THR A 253 -7.82 20.34 -20.77
C THR A 253 -9.33 20.39 -20.47
N PHE A 254 -9.72 21.08 -19.40
CA PHE A 254 -11.15 21.12 -18.98
C PHE A 254 -11.31 22.20 -17.91
N GLU A 255 -12.51 22.78 -17.79
CA GLU A 255 -12.73 23.89 -16.82
C GLU A 255 -13.94 23.57 -15.93
N ILE A 256 -13.85 23.87 -14.63
CA ILE A 256 -14.90 23.55 -13.68
C ILE A 256 -14.93 24.67 -12.64
N SER A 257 -15.86 25.61 -12.79
CA SER A 257 -16.07 26.65 -11.79
C SER A 257 -17.11 26.17 -10.80
N ASN A 258 -17.03 26.69 -9.58
CA ASN A 258 -17.79 26.18 -8.46
C ASN A 258 -17.54 24.67 -8.31
N VAL A 259 -16.28 24.33 -8.07
CA VAL A 259 -15.84 22.94 -8.08
C VAL A 259 -16.04 22.33 -6.69
N ARG A 260 -16.49 21.08 -6.68
CA ARG A 260 -16.67 20.31 -5.44
C ARG A 260 -15.33 19.66 -5.09
N LEU A 261 -14.63 20.27 -4.14
CA LEU A 261 -13.32 19.80 -3.73
C LEU A 261 -13.46 18.54 -2.86
N TRP A 262 -12.86 17.43 -3.32
CA TRP A 262 -12.58 16.29 -2.45
C TRP A 262 -11.96 16.77 -1.15
N GLN A 263 -12.44 16.23 -0.03
CA GLN A 263 -11.90 16.66 1.25
C GLN A 263 -11.87 15.52 2.25
N PRO A 264 -10.93 15.52 3.18
CA PRO A 264 -10.83 14.42 4.14
C PRO A 264 -12.14 14.26 4.91
N LEU A 265 -12.66 13.03 4.92
CA LEU A 265 -13.93 12.72 5.55
C LEU A 265 -15.10 13.42 4.86
N ASN A 266 -14.92 13.89 3.63
CA ASN A 266 -15.96 14.59 2.89
C ASN A 266 -15.67 14.47 1.40
N ALA A 267 -15.55 13.24 0.93
CA ALA A 267 -15.16 12.99 -0.45
C ALA A 267 -16.18 13.52 -1.44
N TYR A 268 -15.70 14.22 -2.47
CA TYR A 268 -16.48 14.47 -3.67
C TYR A 268 -15.68 13.98 -4.88
N LEU A 269 -16.25 13.04 -5.62
CA LEU A 269 -15.60 12.45 -6.77
C LEU A 269 -16.39 12.77 -8.03
N TYR A 270 -15.77 13.53 -8.94
CA TYR A 270 -16.27 13.59 -10.29
C TYR A 270 -15.91 12.30 -11.04
N LYS A 271 -16.56 12.10 -12.18
CA LYS A 271 -16.26 10.98 -13.05
C LYS A 271 -15.85 11.49 -14.44
N ILE A 272 -15.26 10.61 -15.23
CA ILE A 272 -14.62 10.99 -16.48
C ILE A 272 -14.73 9.84 -17.49
N LYS A 273 -15.40 10.08 -18.61
CA LYS A 273 -15.62 9.06 -19.63
C LYS A 273 -14.73 9.38 -20.83
N VAL A 274 -13.70 8.57 -21.04
CA VAL A 274 -12.80 8.81 -22.20
C VAL A 274 -13.23 7.89 -23.34
N THR A 275 -13.97 8.43 -24.30
CA THR A 275 -14.35 7.63 -25.49
C THR A 275 -13.27 7.85 -26.54
N ALA A 276 -12.67 6.77 -27.06
CA ALA A 276 -11.55 6.94 -28.00
C ALA A 276 -11.40 5.70 -28.88
N GLY A 277 -11.84 5.79 -30.14
CA GLY A 277 -11.64 4.66 -31.07
C GLY A 277 -12.36 3.40 -30.64
N GLN A 278 -13.68 3.46 -30.50
CA GLN A 278 -14.47 2.25 -30.18
C GLN A 278 -14.09 1.73 -28.79
N ASP A 279 -13.30 2.50 -28.04
CA ASP A 279 -12.91 2.10 -26.70
C ASP A 279 -13.26 3.25 -25.76
N VAL A 280 -13.94 2.95 -24.66
CA VAL A 280 -14.26 3.93 -23.64
C VAL A 280 -13.96 3.34 -22.26
N TYR A 281 -13.37 4.15 -21.39
CA TYR A 281 -13.04 3.79 -20.02
C TYR A 281 -13.40 4.96 -19.11
N THR A 282 -13.91 4.65 -17.93
CA THR A 282 -14.33 5.69 -17.02
C THR A 282 -13.45 5.70 -15.78
N LEU A 283 -13.30 6.88 -15.21
CA LEU A 283 -12.35 7.13 -14.17
C LEU A 283 -13.01 8.11 -13.20
N PRO A 284 -13.00 7.82 -11.90
CA PRO A 284 -13.35 8.84 -10.92
C PRO A 284 -12.14 9.67 -10.57
N TYR A 285 -12.40 10.86 -10.08
CA TYR A 285 -11.32 11.80 -9.78
C TYR A 285 -11.86 12.81 -8.81
N GLY A 286 -11.03 13.18 -7.84
CA GLY A 286 -11.39 14.18 -6.85
C GLY A 286 -10.42 15.34 -6.98
N VAL A 287 -10.93 16.54 -6.79
CA VAL A 287 -10.15 17.75 -6.96
C VAL A 287 -9.68 18.20 -5.58
N ARG A 288 -8.36 18.15 -5.34
CA ARG A 288 -7.81 18.70 -4.11
C ARG A 288 -6.34 19.03 -4.30
N SER A 289 -5.87 19.94 -3.45
CA SER A 289 -4.48 20.38 -3.49
C SER A 289 -3.74 19.87 -2.26
N VAL A 290 -2.54 19.33 -2.47
CA VAL A 290 -1.63 18.98 -1.40
C VAL A 290 -0.41 19.89 -1.51
N ARG A 291 -0.01 20.48 -0.38
CA ARG A 291 1.19 21.35 -0.40
C ARG A 291 1.77 21.55 0.99
N VAL A 292 3.06 21.29 1.16
CA VAL A 292 3.74 21.59 2.42
C VAL A 292 4.12 23.06 2.45
N ASP A 293 4.10 23.65 3.64
CA ASP A 293 4.47 25.06 3.79
C ASP A 293 5.02 25.25 5.19
N GLY A 294 6.35 25.23 5.31
CA GLY A 294 6.95 25.43 6.62
C GLY A 294 6.76 24.22 7.50
N THR A 295 6.04 24.38 8.61
CA THR A 295 5.70 23.26 9.48
C THR A 295 4.22 22.87 9.38
N LYS A 296 3.61 23.07 8.21
CA LYS A 296 2.20 22.85 7.98
C LYS A 296 2.03 21.92 6.79
N PHE A 297 1.31 20.81 7.00
CA PHE A 297 0.90 19.92 5.90
C PHE A 297 -0.49 20.39 5.46
N LEU A 298 -0.55 20.97 4.25
CA LEU A 298 -1.76 21.65 3.78
C LEU A 298 -2.48 20.79 2.75
N ILE A 299 -3.76 20.56 2.99
CA ILE A 299 -4.67 19.98 2.01
C ILE A 299 -5.69 21.05 1.70
N ASN A 300 -5.95 21.27 0.41
CA ASN A 300 -6.74 22.41 -0.05
C ASN A 300 -6.41 23.66 0.75
N GLU A 301 -5.12 23.99 0.78
CA GLU A 301 -4.65 25.23 1.45
C GLU A 301 -5.19 25.34 2.88
N LYS A 302 -5.15 24.24 3.64
CA LYS A 302 -5.54 24.30 5.05
C LYS A 302 -4.61 23.40 5.87
N PRO A 303 -4.38 23.76 7.13
CA PRO A 303 -3.43 22.99 7.95
C PRO A 303 -4.01 21.69 8.52
N PHE A 304 -3.80 20.59 7.78
CA PHE A 304 -4.25 19.27 8.16
C PHE A 304 -3.55 18.73 9.41
N TYR A 305 -4.18 17.74 10.05
CA TYR A 305 -3.57 16.96 11.13
C TYR A 305 -3.93 15.50 10.96
N PHE A 306 -2.93 14.66 10.67
CA PHE A 306 -3.17 13.23 10.50
C PHE A 306 -3.66 12.60 11.80
N LYS A 307 -4.74 11.79 11.68
CA LYS A 307 -5.33 11.02 12.76
C LYS A 307 -5.58 9.62 12.23
N GLY A 308 -4.99 8.63 12.87
CA GLY A 308 -5.20 7.30 12.30
C GLY A 308 -4.16 6.31 12.73
N TYR A 309 -3.70 5.51 11.79
CA TYR A 309 -2.81 4.43 12.20
C TYR A 309 -2.10 3.80 11.02
N GLY A 310 -1.11 2.96 11.32
CA GLY A 310 -0.48 2.16 10.26
C GLY A 310 -1.24 0.87 10.23
N LYS A 311 -1.50 0.34 9.05
CA LYS A 311 -2.35 -0.86 8.97
C LYS A 311 -1.56 -1.99 8.31
N HIS A 312 -2.23 -3.09 8.05
CA HIS A 312 -1.59 -4.24 7.40
C HIS A 312 -2.70 -4.99 6.67
N GLU A 313 -2.43 -5.43 5.45
CA GLU A 313 -3.42 -6.29 4.77
C GLU A 313 -3.30 -7.65 5.46
N ASP A 314 -3.85 -7.76 6.67
CA ASP A 314 -3.74 -9.00 7.46
C ASP A 314 -5.07 -9.41 8.08
N THR A 315 -5.65 -10.51 7.62
CA THR A 315 -6.85 -11.09 8.19
C THR A 315 -6.69 -12.59 8.24
N PHE A 316 -7.52 -13.26 9.08
CA PHE A 316 -7.57 -14.71 9.19
C PHE A 316 -8.78 -15.28 8.48
N PRO A 317 -8.65 -16.41 7.76
CA PRO A 317 -7.37 -17.08 7.49
C PRO A 317 -6.85 -16.64 6.12
N ASN A 318 -7.24 -15.44 5.67
CA ASN A 318 -6.87 -14.98 4.33
C ASN A 318 -5.39 -14.70 4.17
N GLY A 319 -4.69 -14.48 5.29
CA GLY A 319 -3.28 -14.08 5.22
C GLY A 319 -3.18 -12.63 4.77
N ARG A 320 -2.41 -12.35 3.71
CA ARG A 320 -2.35 -10.99 3.15
C ARG A 320 -3.38 -10.90 2.01
N GLY A 321 -4.13 -11.99 1.78
CA GLY A 321 -5.11 -12.02 0.67
C GLY A 321 -6.12 -10.88 0.74
N ILE A 322 -6.71 -10.52 -0.40
CA ILE A 322 -7.67 -9.42 -0.45
C ILE A 322 -8.95 -9.76 0.32
N ASN A 323 -9.61 -8.73 0.86
CA ASN A 323 -10.76 -8.95 1.77
C ASN A 323 -11.70 -7.75 1.69
N LEU A 324 -12.53 -7.73 0.66
CA LEU A 324 -13.41 -6.59 0.48
C LEU A 324 -14.25 -6.31 1.73
N PRO A 325 -14.90 -7.31 2.35
CA PRO A 325 -15.69 -7.00 3.56
C PRO A 325 -14.88 -6.37 4.68
N MET A 326 -13.75 -6.96 5.04
CA MET A 326 -12.97 -6.33 6.11
C MET A 326 -12.50 -4.92 5.71
N ASN A 327 -12.22 -4.68 4.42
CA ASN A 327 -11.90 -3.33 3.93
C ASN A 327 -12.98 -2.33 4.34
N THR A 328 -14.25 -2.70 4.11
CA THR A 328 -15.35 -1.81 4.48
C THR A 328 -15.53 -1.75 5.99
N LYS A 329 -15.40 -2.90 6.66
CA LYS A 329 -15.42 -2.88 8.12
C LYS A 329 -14.31 -1.99 8.66
N ASP A 330 -13.07 -2.18 8.19
CA ASP A 330 -11.98 -1.32 8.68
C ASP A 330 -12.33 0.16 8.48
N ILE A 331 -12.85 0.54 7.31
CA ILE A 331 -13.17 1.94 7.11
C ILE A 331 -14.37 2.39 7.96
N SER A 332 -15.36 1.50 8.22
CA SER A 332 -16.45 1.83 9.15
C SER A 332 -15.91 2.10 10.55
N ILE A 333 -14.98 1.25 11.04
CA ILE A 333 -14.37 1.48 12.34
C ILE A 333 -13.61 2.81 12.39
N MET A 334 -12.87 3.13 11.33
CA MET A 334 -12.13 4.38 11.32
C MET A 334 -13.06 5.58 11.50
N LYS A 335 -14.21 5.58 10.81
CA LYS A 335 -15.14 6.71 10.96
C LYS A 335 -15.78 6.71 12.34
N TRP A 336 -16.19 5.54 12.83
CA TRP A 336 -16.59 5.41 14.22
C TRP A 336 -15.53 6.00 15.16
N GLN A 337 -14.24 5.79 14.86
CA GLN A 337 -13.19 6.21 15.79
C GLN A 337 -12.77 7.65 15.59
N HIS A 338 -13.22 8.29 14.50
CA HIS A 338 -12.92 9.70 14.25
C HIS A 338 -11.48 9.89 13.75
N ALA A 339 -10.99 8.90 13.01
CA ALA A 339 -9.72 8.93 12.31
C ALA A 339 -9.90 9.52 10.91
N ASN A 340 -8.78 9.91 10.28
CA ASN A 340 -8.83 10.43 8.93
C ASN A 340 -7.80 9.85 7.98
N SER A 341 -6.91 8.99 8.45
CA SER A 341 -5.82 8.59 7.58
C SER A 341 -5.21 7.27 8.02
N PHE A 342 -4.51 6.65 7.09
CA PHE A 342 -3.77 5.40 7.37
C PHE A 342 -2.57 5.34 6.42
N ARG A 343 -1.58 4.52 6.73
CA ARG A 343 -0.41 4.36 5.85
C ARG A 343 -0.39 2.93 5.30
N THR A 344 -0.29 2.79 3.98
CA THR A 344 -0.13 1.44 3.37
C THR A 344 1.15 0.86 3.93
N SER A 345 1.11 0.32 5.14
CA SER A 345 2.33 -0.11 5.85
C SER A 345 3.11 -1.25 5.22
N HIS A 346 4.34 -0.98 4.79
CA HIS A 346 5.29 -2.01 4.29
C HIS A 346 4.92 -2.58 2.92
N TYR A 347 3.91 -2.05 2.22
CA TYR A 347 3.63 -2.54 0.85
C TYR A 347 2.41 -1.84 0.27
N PRO A 348 2.30 -1.63 -1.06
CA PRO A 348 1.04 -1.05 -1.58
C PRO A 348 -0.12 -2.01 -1.33
N TYR A 349 -1.27 -1.44 -0.98
CA TYR A 349 -2.51 -2.18 -0.79
C TYR A 349 -3.22 -2.40 -2.13
N SER A 350 -4.31 -3.18 -2.09
CA SER A 350 -5.11 -3.48 -3.27
C SER A 350 -5.64 -2.20 -3.91
N GLU A 351 -5.90 -2.28 -5.22
CA GLU A 351 -6.56 -1.18 -5.92
C GLU A 351 -7.95 -0.92 -5.35
N GLU A 352 -8.69 -1.99 -5.01
CA GLU A 352 -10.02 -1.83 -4.43
C GLU A 352 -9.98 -0.96 -3.18
N MET A 353 -9.05 -1.25 -2.27
CA MET A 353 -8.97 -0.42 -1.06
C MET A 353 -8.62 1.02 -1.42
N MET A 354 -7.77 1.23 -2.44
CA MET A 354 -7.39 2.59 -2.81
C MET A 354 -8.59 3.36 -3.34
N ARG A 355 -9.37 2.74 -4.22
CA ARG A 355 -10.58 3.39 -4.69
C ARG A 355 -11.54 3.63 -3.53
N LEU A 356 -11.61 2.72 -2.58
CA LEU A 356 -12.57 2.90 -1.50
C LEU A 356 -12.26 4.16 -0.69
N CYS A 357 -10.97 4.44 -0.44
CA CYS A 357 -10.60 5.65 0.31
C CYS A 357 -10.95 6.91 -0.45
N ASP A 358 -10.91 6.80 -1.78
CA ASP A 358 -11.40 7.88 -2.63
C ASP A 358 -12.88 8.15 -2.37
N GLU A 359 -13.72 7.11 -2.49
CA GLU A 359 -15.14 7.24 -2.17
C GLU A 359 -15.36 7.75 -0.76
N GLU A 360 -14.65 7.19 0.22
CA GLU A 360 -14.94 7.45 1.63
C GLU A 360 -14.20 8.65 2.19
N GLY A 361 -13.24 9.22 1.46
CA GLY A 361 -12.49 10.35 1.96
C GLY A 361 -11.46 10.03 3.03
N ILE A 362 -10.64 9.00 2.80
CA ILE A 362 -9.59 8.63 3.75
C ILE A 362 -8.25 9.07 3.17
N VAL A 363 -7.54 9.92 3.92
CA VAL A 363 -6.18 10.30 3.52
C VAL A 363 -5.25 9.12 3.69
N VAL A 364 -4.52 8.78 2.63
CA VAL A 364 -3.68 7.60 2.57
C VAL A 364 -2.23 8.01 2.35
N ILE A 365 -1.31 7.35 3.04
CA ILE A 365 0.11 7.49 2.76
C ILE A 365 0.53 6.21 2.06
N ASP A 366 0.72 6.32 0.76
CA ASP A 366 1.05 5.17 -0.08
C ASP A 366 2.53 4.86 0.07
N GLU A 367 2.86 3.59 0.35
CA GLU A 367 4.20 3.15 0.71
C GLU A 367 4.61 1.93 -0.12
N THR A 368 5.93 1.80 -0.37
CA THR A 368 6.45 0.75 -1.24
C THR A 368 6.77 -0.51 -0.44
N THR A 369 7.19 -1.57 -1.15
CA THR A 369 7.65 -2.79 -0.54
C THR A 369 9.02 -2.68 0.13
N ALA A 370 9.58 -1.48 0.29
CA ALA A 370 10.98 -1.34 0.67
C ALA A 370 11.13 -1.33 2.19
N VAL A 371 10.90 -2.50 2.80
CA VAL A 371 11.16 -2.65 4.22
C VAL A 371 12.22 -3.73 4.41
N GLY A 372 13.00 -3.59 5.48
CA GLY A 372 14.17 -4.43 5.65
C GLY A 372 15.42 -3.98 4.92
N VAL A 373 15.47 -2.74 4.44
CA VAL A 373 16.66 -2.21 3.81
C VAL A 373 17.55 -1.64 4.92
N ASN A 374 18.00 -2.52 5.81
CA ASN A 374 18.64 -2.13 7.06
C ASN A 374 19.20 -3.41 7.68
N LEU A 375 20.52 -3.53 7.72
CA LEU A 375 21.16 -4.72 8.28
C LEU A 375 21.76 -4.47 9.64
N GLN A 376 21.48 -3.30 10.22
CA GLN A 376 22.15 -2.93 11.47
C GLN A 376 21.80 -3.90 12.59
N PHE A 377 20.52 -4.16 12.80
CA PHE A 377 20.10 -5.18 13.77
C PHE A 377 19.39 -6.34 13.06
N GLU A 386 33.23 -10.07 9.62
CA GLU A 386 33.13 -8.68 10.12
C GLU A 386 31.70 -8.20 9.81
N ARG A 387 31.20 -7.24 10.58
CA ARG A 387 29.79 -6.80 10.41
C ARG A 387 29.62 -6.16 9.04
N ILE A 388 28.62 -6.60 8.27
CA ILE A 388 28.38 -5.94 6.99
C ILE A 388 27.50 -4.72 7.20
N GLY A 389 27.78 -3.67 6.44
CA GLY A 389 26.99 -2.46 6.48
C GLY A 389 25.87 -2.54 5.46
N THR A 390 24.77 -1.86 5.78
CA THR A 390 23.57 -1.99 4.97
C THR A 390 23.89 -1.83 3.49
N PHE A 391 24.58 -0.73 3.15
CA PHE A 391 24.76 -0.33 1.75
C PHE A 391 26.16 -0.65 1.22
N ASP A 392 26.89 -1.55 1.86
CA ASP A 392 27.98 -2.25 1.21
C ASP A 392 27.50 -2.70 -0.17
N LYS A 393 28.39 -2.61 -1.16
CA LYS A 393 27.97 -2.91 -2.52
C LYS A 393 28.36 -4.29 -2.98
N GLU A 394 29.18 -5.01 -2.20
CA GLU A 394 29.37 -6.43 -2.48
C GLU A 394 28.58 -7.33 -1.55
N HIS A 395 28.50 -7.01 -0.27
CA HIS A 395 27.91 -7.89 0.72
C HIS A 395 26.59 -7.39 1.32
N GLY A 396 26.25 -6.11 1.15
CA GLY A 396 24.99 -5.57 1.61
C GLY A 396 23.88 -5.71 0.59
N VAL A 397 22.87 -4.85 0.72
CA VAL A 397 21.63 -5.07 -0.06
C VAL A 397 21.85 -4.75 -1.53
N GLN A 398 21.04 -5.39 -2.36
CA GLN A 398 21.07 -5.37 -3.83
C GLN A 398 19.71 -5.01 -4.40
N THR A 399 19.10 -3.98 -3.82
CA THR A 399 17.69 -3.70 -4.03
C THR A 399 17.40 -2.44 -4.83
N GLN A 400 18.41 -1.60 -5.13
CA GLN A 400 18.09 -0.29 -5.67
C GLN A 400 17.45 -0.36 -7.04
N GLU A 401 17.92 -1.24 -7.92
CA GLU A 401 17.28 -1.33 -9.22
C GLU A 401 15.81 -1.65 -9.06
N HIS A 402 15.48 -2.74 -8.35
CA HIS A 402 14.08 -3.11 -8.14
C HIS A 402 13.35 -2.01 -7.37
N HIS A 403 14.00 -1.41 -6.38
CA HIS A 403 13.37 -0.31 -5.66
C HIS A 403 12.86 0.75 -6.62
N LYS A 404 13.59 0.96 -7.72
CA LYS A 404 13.20 1.98 -8.69
C LYS A 404 11.99 1.54 -9.49
N ASP A 405 12.02 0.28 -9.94
CA ASP A 405 10.91 -0.26 -10.74
C ASP A 405 9.63 -0.25 -9.89
N VAL A 406 9.78 -0.32 -8.57
CA VAL A 406 8.59 -0.31 -7.67
C VAL A 406 8.06 1.12 -7.64
N ILE A 407 8.93 2.08 -7.36
CA ILE A 407 8.51 3.50 -7.30
C ILE A 407 7.78 3.82 -8.61
N ARG A 408 8.29 3.36 -9.75
CA ARG A 408 7.63 3.74 -11.00
C ARG A 408 6.29 3.01 -11.12
N ASP A 409 6.30 1.69 -10.94
CA ASP A 409 5.06 0.93 -11.06
C ASP A 409 3.99 1.41 -10.09
N LEU A 410 4.39 1.81 -8.89
CA LEU A 410 3.41 2.24 -7.91
C LEU A 410 2.80 3.58 -8.29
N ILE A 411 3.64 4.55 -8.64
CA ILE A 411 3.11 5.87 -8.99
C ILE A 411 2.29 5.80 -10.26
N SER A 412 2.67 4.92 -11.19
CA SER A 412 1.88 4.68 -12.39
C SER A 412 0.47 4.20 -12.03
N ARG A 413 0.35 3.47 -10.91
CA ARG A 413 -0.90 2.82 -10.56
C ARG A 413 -1.83 3.74 -9.80
N ASP A 414 -1.28 4.56 -8.90
CA ASP A 414 -2.09 5.32 -7.96
C ASP A 414 -2.01 6.83 -8.17
N LYS A 415 -1.41 7.28 -9.28
CA LYS A 415 -1.18 8.72 -9.48
C LYS A 415 -2.46 9.54 -9.39
N ASN A 416 -3.57 8.98 -9.84
CA ASN A 416 -4.83 9.71 -9.95
C ASN A 416 -5.69 9.64 -8.69
N HIS A 417 -5.17 9.06 -7.60
CA HIS A 417 -5.94 8.89 -6.38
C HIS A 417 -5.86 10.16 -5.55
N ALA A 418 -7.00 10.82 -5.40
CA ALA A 418 -7.07 11.93 -4.46
C ALA A 418 -6.74 11.49 -3.04
N CYS A 419 -6.98 10.23 -2.67
CA CYS A 419 -6.67 9.91 -1.27
C CYS A 419 -5.17 9.97 -1.00
N VAL A 420 -4.35 9.60 -1.97
CA VAL A 420 -2.89 9.65 -1.80
C VAL A 420 -2.42 11.10 -1.67
N VAL A 421 -1.87 11.46 -0.51
CA VAL A 421 -1.32 12.79 -0.31
C VAL A 421 0.19 12.79 -0.14
N MET A 422 0.85 11.64 -0.17
CA MET A 422 2.25 11.58 0.17
C MET A 422 2.77 10.22 -0.25
N TRP A 423 4.07 10.14 -0.47
CA TRP A 423 4.69 8.87 -0.81
C TRP A 423 5.72 8.49 0.23
N SER A 424 5.83 7.19 0.50
CA SER A 424 6.79 6.66 1.45
C SER A 424 7.72 5.75 0.66
N ILE A 425 8.99 6.18 0.53
CA ILE A 425 9.95 5.44 -0.27
C ILE A 425 10.34 4.16 0.42
N ALA A 426 10.44 4.19 1.76
CA ALA A 426 10.88 3.00 2.47
C ALA A 426 10.52 3.10 3.96
N ASN A 427 10.22 1.96 4.56
CA ASN A 427 9.98 1.90 5.99
C ASN A 427 11.26 1.49 6.70
N GLU A 428 11.72 2.35 7.57
CA GLU A 428 12.85 2.10 8.44
C GLU A 428 14.08 1.53 7.76
N PRO A 429 14.61 2.19 6.74
CA PRO A 429 15.94 1.84 6.26
C PRO A 429 16.97 2.35 7.26
N ASP A 430 18.19 1.78 7.14
CA ASP A 430 19.36 2.28 7.91
C ASP A 430 19.68 3.60 7.22
N SER A 431 18.89 4.63 7.49
CA SER A 431 18.92 5.91 6.79
C SER A 431 20.03 6.82 7.33
N ALA A 432 20.67 6.45 8.45
CA ALA A 432 21.75 7.23 9.03
C ALA A 432 23.09 6.52 8.87
N ALA A 433 23.17 5.56 7.97
CA ALA A 433 24.40 4.86 7.69
C ALA A 433 25.09 5.46 6.46
N GLU A 434 26.36 5.12 6.31
CA GLU A 434 27.05 5.46 5.09
C GLU A 434 26.45 4.67 3.93
N GLY A 435 26.53 5.25 2.74
CA GLY A 435 25.80 4.72 1.61
C GLY A 435 24.35 5.13 1.57
N ALA A 436 23.80 5.58 2.71
CA ALA A 436 22.37 5.82 2.81
C ALA A 436 21.92 6.88 1.81
N TYR A 437 22.41 8.12 1.99
CA TYR A 437 22.08 9.22 1.10
C TYR A 437 22.24 8.85 -0.37
N ASP A 438 23.34 8.20 -0.73
CA ASP A 438 23.53 7.83 -2.13
C ASP A 438 22.45 6.87 -2.61
N TYR A 439 22.01 5.97 -1.75
CA TYR A 439 20.99 5.00 -2.15
C TYR A 439 19.67 5.71 -2.47
N PHE A 440 19.21 6.56 -1.55
CA PHE A 440 17.85 7.08 -1.61
C PHE A 440 17.65 8.25 -2.58
N LYS A 441 18.63 9.16 -2.70
CA LYS A 441 18.44 10.32 -3.56
C LYS A 441 17.98 9.96 -4.97
N PRO A 442 18.65 9.07 -5.69
CA PRO A 442 18.12 8.63 -7.00
C PRO A 442 16.68 8.16 -6.93
N LEU A 443 16.22 7.67 -5.77
CA LEU A 443 14.84 7.19 -5.66
C LEU A 443 13.88 8.33 -5.33
N TYR A 444 14.25 9.22 -4.41
CA TYR A 444 13.48 10.45 -4.21
C TYR A 444 13.32 11.20 -5.52
N ASP A 445 14.43 11.38 -6.24
CA ASP A 445 14.37 12.11 -7.50
C ASP A 445 13.39 11.45 -8.45
N LEU A 446 13.56 10.14 -8.68
CA LEU A 446 12.66 9.41 -9.58
C LEU A 446 11.21 9.58 -9.13
N ALA A 447 10.98 9.66 -7.83
CA ALA A 447 9.62 9.82 -7.30
C ALA A 447 9.12 11.24 -7.56
N ARG A 448 9.92 12.23 -7.17
CA ARG A 448 9.52 13.62 -7.35
C ARG A 448 9.29 13.96 -8.82
N GLU A 449 9.90 13.23 -9.75
CA GLU A 449 9.75 13.53 -11.16
C GLU A 449 8.61 12.76 -11.83
N LEU A 450 8.20 11.63 -11.27
CA LEU A 450 7.18 10.80 -11.93
C LEU A 450 5.76 11.02 -11.42
N ASP A 451 5.58 11.75 -10.31
CA ASP A 451 4.28 12.09 -9.78
C ASP A 451 3.71 13.30 -10.53
N PRO A 452 2.76 13.10 -11.45
CA PRO A 452 2.14 14.25 -12.13
C PRO A 452 1.59 15.33 -11.21
N GLN A 453 1.46 15.05 -9.91
CA GLN A 453 0.95 16.03 -8.96
C GLN A 453 2.04 16.57 -8.05
N LYS A 454 3.27 16.15 -8.24
CA LYS A 454 4.41 16.57 -7.43
C LYS A 454 4.06 16.56 -5.94
N ARG A 455 3.65 15.37 -5.46
CA ARG A 455 3.20 15.20 -4.08
C ARG A 455 4.38 15.04 -3.13
N PRO A 456 4.22 15.41 -1.86
CA PRO A 456 5.31 15.21 -0.87
C PRO A 456 5.84 13.77 -0.84
N CYS A 457 7.16 13.64 -0.68
CA CYS A 457 7.94 12.40 -0.56
C CYS A 457 8.53 12.27 0.85
N THR A 458 8.60 11.03 1.36
CA THR A 458 9.21 10.83 2.68
C THR A 458 9.81 9.44 2.76
N LEU A 459 10.37 9.15 3.93
CA LEU A 459 10.66 7.79 4.32
C LEU A 459 10.52 7.75 5.84
N VAL A 460 10.13 6.59 6.35
CA VAL A 460 9.77 6.46 7.77
C VAL A 460 11.02 6.09 8.56
N SER A 461 11.40 6.94 9.51
CA SER A 461 12.66 6.81 10.25
C SER A 461 12.58 5.87 11.46
N VAL A 462 13.56 4.96 11.54
CA VAL A 462 13.63 3.99 12.66
C VAL A 462 14.15 4.68 13.92
N GLN A 463 13.95 4.03 15.06
CA GLN A 463 14.46 4.50 16.36
C GLN A 463 15.97 4.53 16.32
N GLY A 464 16.58 5.62 16.76
CA GLY A 464 18.03 5.75 16.67
C GLY A 464 18.43 6.96 15.86
N THR A 465 17.78 7.19 14.73
CA THR A 465 18.13 8.39 14.00
C THR A 465 17.74 9.66 14.76
N THR A 466 18.38 10.73 14.35
CA THR A 466 18.16 12.07 14.85
C THR A 466 18.15 13.00 13.65
N ALA A 467 17.71 14.25 13.91
CA ALA A 467 17.73 15.28 12.86
C ALA A 467 19.07 15.35 12.15
N ASP A 468 20.17 15.39 12.91
CA ASP A 468 21.50 15.56 12.32
C ASP A 468 21.93 14.35 11.52
N THR A 469 21.61 13.14 11.99
CA THR A 469 22.10 11.88 11.43
C THR A 469 21.23 11.30 10.32
N ASP A 470 20.04 11.84 10.08
CA ASP A 470 19.06 11.18 9.23
C ASP A 470 19.08 11.82 7.85
N CYS A 471 19.46 11.03 6.86
CA CYS A 471 19.43 11.47 5.48
C CYS A 471 18.03 11.88 5.06
N SER A 472 17.05 11.58 5.90
CA SER A 472 15.71 12.03 5.58
C SER A 472 15.53 13.52 5.85
N SER A 473 16.28 14.08 6.81
CA SER A 473 16.15 15.50 7.10
C SER A 473 16.29 16.35 5.83
N GLN A 474 17.12 15.93 4.88
CA GLN A 474 17.30 16.68 3.64
C GLN A 474 16.33 16.24 2.53
N LEU A 475 16.27 14.94 2.24
CA LEU A 475 15.51 14.44 1.09
C LEU A 475 13.99 14.50 1.27
N SER A 476 13.46 14.59 2.49
CA SER A 476 12.04 14.40 2.74
C SER A 476 11.34 15.73 2.99
N ASP A 477 10.12 15.87 2.46
CA ASP A 477 9.28 17.03 2.76
C ASP A 477 8.66 16.95 4.16
N VAL A 478 8.36 15.74 4.64
CA VAL A 478 7.77 15.51 5.95
C VAL A 478 8.67 14.54 6.71
N ILE A 479 9.04 14.90 7.94
CA ILE A 479 9.77 13.96 8.79
C ILE A 479 8.76 12.98 9.42
N CYS A 480 8.86 11.69 9.06
CA CYS A 480 8.00 10.63 9.62
C CYS A 480 8.74 9.68 10.56
N LEU A 481 8.53 9.84 11.86
CA LEU A 481 9.18 9.03 12.87
C LEU A 481 8.35 7.81 13.28
N ASN A 482 9.07 6.76 13.66
CA ASN A 482 8.56 5.56 14.35
C ASN A 482 9.29 5.53 15.67
N ARG A 483 8.67 6.00 16.73
CA ARG A 483 9.32 6.01 18.02
C ARG A 483 8.51 5.17 19.00
N TYR A 484 9.20 4.61 19.98
CA TYR A 484 8.63 3.65 20.93
C TYR A 484 9.09 3.97 22.34
N TYR A 485 9.04 5.26 22.69
CA TYR A 485 9.32 5.67 24.05
C TYR A 485 8.18 5.20 24.93
N GLY A 486 8.45 4.29 25.87
CA GLY A 486 7.38 3.68 26.68
C GLY A 486 7.32 2.19 26.43
N TRP A 487 7.96 1.72 25.36
CA TRP A 487 8.04 0.27 25.08
C TRP A 487 9.51 -0.12 24.96
N TYR A 488 10.02 -0.25 23.73
CA TYR A 488 11.45 -0.56 23.50
C TYR A 488 12.32 0.42 24.29
N PHE A 489 12.07 1.72 24.15
CA PHE A 489 12.79 2.71 24.95
C PHE A 489 12.00 3.00 26.22
N GLY A 490 12.56 2.60 27.37
CA GLY A 490 12.19 3.15 28.65
C GLY A 490 11.11 2.39 29.40
N GLY A 491 10.30 1.59 28.70
CA GLY A 491 9.24 0.87 29.33
C GLY A 491 9.81 -0.10 30.34
N PRO A 492 9.22 -0.16 31.55
CA PRO A 492 7.94 0.46 31.93
C PRO A 492 8.01 1.83 32.58
N ASP A 493 9.11 2.55 32.44
CA ASP A 493 9.23 3.87 33.10
C ASP A 493 8.73 4.94 32.14
N LEU A 494 7.48 5.37 32.32
CA LEU A 494 6.91 6.34 31.38
C LEU A 494 7.41 7.76 31.63
N GLU A 495 7.92 8.04 32.83
CA GLU A 495 8.54 9.33 33.10
C GLU A 495 9.83 9.49 32.31
N VAL A 496 10.78 8.60 32.55
CA VAL A 496 12.04 8.58 31.80
C VAL A 496 11.77 8.60 30.29
N SER A 497 10.74 7.87 29.85
CA SER A 497 10.39 7.78 28.43
C SER A 497 9.89 9.11 27.91
N GLU A 498 9.15 9.85 28.75
CA GLU A 498 8.63 11.15 28.35
C GLU A 498 9.78 12.13 28.19
N THR A 499 10.70 12.14 29.18
CA THR A 499 11.90 12.96 29.06
C THR A 499 12.65 12.67 27.75
N GLY A 500 12.80 11.40 27.39
CA GLY A 500 13.48 11.09 26.15
C GLY A 500 12.74 11.62 24.93
N LEU A 501 11.43 11.40 24.90
CA LEU A 501 10.64 11.79 23.73
C LEU A 501 10.58 13.32 23.57
N ARG A 502 10.40 14.07 24.66
CA ARG A 502 10.53 15.52 24.56
C ARG A 502 11.89 15.92 23.98
N LYS A 503 12.97 15.35 24.55
CA LYS A 503 14.31 15.70 24.11
C LYS A 503 14.48 15.46 22.62
N GLU A 504 14.06 14.29 22.13
CA GLU A 504 14.30 13.99 20.73
C GLU A 504 13.40 14.82 19.83
N LEU A 505 12.12 14.93 20.18
CA LEU A 505 11.19 15.61 19.29
C LEU A 505 11.50 17.09 19.23
N SER A 506 11.78 17.70 20.38
CA SER A 506 12.32 19.06 20.43
C SER A 506 13.36 19.31 19.35
N ASP A 507 14.40 18.46 19.33
CA ASP A 507 15.47 18.61 18.33
C ASP A 507 14.93 18.54 16.91
N TRP A 508 14.04 17.58 16.63
CA TRP A 508 13.53 17.43 15.27
C TRP A 508 12.91 18.73 14.76
N GLY A 509 12.42 19.59 15.64
CA GLY A 509 11.80 20.85 15.22
C GLY A 509 12.76 21.82 14.57
N LYS A 510 14.05 21.76 14.90
CA LYS A 510 15.02 22.69 14.33
C LYS A 510 15.09 22.63 12.81
N LEU A 511 14.46 21.63 12.19
CA LEU A 511 14.56 21.50 10.72
C LEU A 511 13.52 22.42 10.06
N GLY A 512 12.56 22.93 10.85
CA GLY A 512 11.51 23.81 10.32
C GLY A 512 10.65 23.10 9.30
N LYS A 513 10.41 21.81 9.50
CA LYS A 513 9.61 21.02 8.55
C LYS A 513 8.46 20.35 9.31
N PRO A 514 7.43 19.81 8.64
CA PRO A 514 6.36 19.06 9.33
C PRO A 514 6.86 17.69 9.74
N VAL A 515 6.64 17.34 11.01
CA VAL A 515 6.97 16.02 11.55
C VAL A 515 5.71 15.37 12.11
N MET A 516 5.43 14.15 11.65
CA MET A 516 4.34 13.31 12.16
C MET A 516 4.92 11.97 12.61
N PHE A 517 4.31 11.37 13.64
CA PHE A 517 4.67 10.02 14.04
C PHE A 517 3.85 8.99 13.27
N THR A 518 4.52 8.13 12.51
CA THR A 518 3.83 7.11 11.76
C THR A 518 3.69 5.79 12.52
N GLU A 519 4.42 5.60 13.62
CA GLU A 519 4.23 4.46 14.50
C GLU A 519 4.56 4.83 15.93
N TYR A 520 3.72 4.37 16.84
CA TYR A 520 4.00 4.30 18.26
C TYR A 520 2.92 3.43 18.87
N GLY A 521 3.29 2.64 19.87
CA GLY A 521 2.36 1.66 20.40
C GLY A 521 3.02 0.71 21.38
N ALA A 522 2.21 -0.20 21.89
CA ALA A 522 2.67 -1.12 22.90
C ALA A 522 1.90 -2.42 22.78
N ASP A 523 2.63 -3.52 22.87
CA ASP A 523 2.04 -4.84 22.76
C ASP A 523 1.08 -5.08 23.91
N THR A 524 -0.18 -5.41 23.58
CA THR A 524 -1.25 -5.50 24.55
C THR A 524 -2.11 -6.70 24.24
N VAL A 525 -2.19 -7.63 25.19
CA VAL A 525 -3.05 -8.80 25.05
C VAL A 525 -4.45 -8.43 25.51
N SER A 526 -5.36 -8.26 24.54
CA SER A 526 -6.77 -8.10 24.83
C SER A 526 -7.19 -9.03 25.96
N GLY A 527 -7.66 -8.45 27.06
CA GLY A 527 -8.15 -9.21 28.20
C GLY A 527 -7.30 -9.07 29.44
N LEU A 528 -6.02 -8.73 29.28
CA LEU A 528 -5.15 -8.59 30.45
C LEU A 528 -5.37 -7.19 30.98
N HIS A 529 -5.71 -7.11 32.26
CA HIS A 529 -6.18 -5.89 32.90
C HIS A 529 -5.48 -5.70 34.24
N ASP A 530 -5.29 -4.44 34.65
CA ASP A 530 -4.87 -4.25 36.02
C ASP A 530 -5.12 -2.83 36.48
N THR A 531 -5.30 -2.66 37.79
CA THR A 531 -5.53 -1.31 38.29
C THR A 531 -4.21 -0.54 38.34
N THR A 532 -3.15 -1.13 38.92
CA THR A 532 -1.78 -0.61 38.79
C THR A 532 -1.16 -1.39 37.62
N SER A 533 -1.07 -0.70 36.48
CA SER A 533 -0.66 -1.32 35.20
C SER A 533 0.70 -1.98 35.18
N VAL A 534 0.82 -3.00 34.33
CA VAL A 534 2.09 -3.69 34.08
C VAL A 534 2.11 -3.79 32.56
N MET A 535 3.25 -4.04 31.94
CA MET A 535 3.28 -4.02 30.46
C MET A 535 2.44 -5.17 29.91
N TYR A 536 1.81 -4.99 28.76
CA TYR A 536 1.01 -6.05 28.09
C TYR A 536 -0.45 -5.95 28.53
N THR A 537 -0.74 -5.07 29.49
CA THR A 537 -2.12 -4.89 30.00
C THR A 537 -2.79 -3.79 29.20
N GLU A 538 -4.10 -3.89 29.04
CA GLU A 538 -4.85 -2.86 28.28
C GLU A 538 -4.66 -1.52 29.00
N GLU A 539 -4.49 -1.55 30.31
CA GLU A 539 -4.29 -0.28 30.99
C GLU A 539 -2.93 0.31 30.67
N TYR A 540 -1.87 -0.51 30.63
CA TYR A 540 -0.57 0.05 30.26
C TYR A 540 -0.61 0.64 28.86
N GLN A 541 -1.33 0.00 27.94
CA GLN A 541 -1.38 0.53 26.59
C GLN A 541 -2.01 1.92 26.57
N VAL A 542 -3.12 2.12 27.30
CA VAL A 542 -3.77 3.43 27.33
C VAL A 542 -2.84 4.49 27.92
N GLU A 543 -2.14 4.16 29.02
CA GLU A 543 -1.21 5.11 29.64
C GLU A 543 -0.06 5.48 28.69
N TYR A 544 0.49 4.50 28.00
CA TYR A 544 1.55 4.75 27.03
C TYR A 544 1.16 5.88 26.09
N TYR A 545 0.00 5.73 25.45
CA TYR A 545 -0.49 6.72 24.50
C TYR A 545 -0.88 8.05 25.15
N GLU A 546 -1.27 8.05 26.42
CA GLU A 546 -1.51 9.34 27.07
C GLU A 546 -0.22 10.13 27.18
N MET A 547 0.85 9.49 27.65
CA MET A 547 2.14 10.17 27.74
C MET A 547 2.59 10.68 26.36
N ASN A 548 2.67 9.78 25.37
CA ASN A 548 3.11 10.23 24.05
C ASN A 548 2.21 11.34 23.51
N ASN A 549 0.91 11.22 23.72
CA ASN A 549 0.00 12.20 23.15
C ASN A 549 0.17 13.55 23.84
N LYS A 550 0.49 13.53 25.13
CA LYS A 550 0.71 14.78 25.84
C LYS A 550 1.88 15.54 25.23
N VAL A 551 2.99 14.84 24.98
CA VAL A 551 4.18 15.48 24.44
C VAL A 551 3.94 15.93 23.01
N PHE A 552 3.37 15.06 22.17
CA PHE A 552 3.03 15.48 20.81
C PHE A 552 2.35 16.84 20.84
N ASP A 553 1.41 17.02 21.77
CA ASP A 553 0.58 18.21 21.78
C ASP A 553 1.33 19.46 22.19
N GLU A 554 2.63 19.39 22.43
CA GLU A 554 3.40 20.56 22.85
C GLU A 554 4.06 21.27 21.69
N PHE A 555 4.10 20.64 20.53
CA PHE A 555 4.89 21.12 19.42
C PHE A 555 3.99 21.35 18.22
N ASP A 556 3.85 22.60 17.82
CA ASP A 556 2.99 22.98 16.72
C ASP A 556 3.48 22.46 15.36
N PHE A 557 4.69 21.89 15.29
CA PHE A 557 5.18 21.35 14.02
C PHE A 557 4.89 19.85 13.88
N VAL A 558 4.41 19.21 14.95
CA VAL A 558 3.84 17.87 14.85
C VAL A 558 2.48 17.97 14.15
N VAL A 559 2.40 17.36 12.97
CA VAL A 559 1.18 17.50 12.13
C VAL A 559 0.49 16.15 11.99
N GLY A 560 0.78 15.19 12.85
CA GLY A 560 0.18 13.87 12.63
C GLY A 560 0.43 12.86 13.72
N GLU A 561 -0.59 12.06 14.05
CA GLU A 561 -0.42 10.97 15.03
C GLU A 561 -1.04 9.72 14.40
N GLN A 562 -0.20 8.72 14.13
CA GLN A 562 -0.71 7.50 13.54
C GLN A 562 -0.20 6.33 14.37
N ALA A 563 -1.10 5.64 15.06
CA ALA A 563 -0.68 4.58 15.99
C ALA A 563 -0.33 3.28 15.27
N TRP A 564 0.60 2.53 15.84
CA TRP A 564 0.92 1.18 15.32
C TRP A 564 0.45 0.20 16.38
N ASN A 565 -0.42 -0.73 16.03
CA ASN A 565 -1.03 -0.85 14.69
C ASN A 565 -2.55 -0.75 14.80
N PHE A 566 -3.23 -0.56 13.69
CA PHE A 566 -4.69 -0.61 13.68
C PHE A 566 -5.19 -1.92 14.31
N ALA A 567 -4.62 -3.05 13.91
CA ALA A 567 -5.11 -4.33 14.41
C ALA A 567 -4.00 -5.36 14.46
N ASP A 568 -4.03 -6.19 15.52
CA ASP A 568 -3.13 -7.32 15.71
C ASP A 568 -2.95 -8.13 14.42
N PHE A 569 -1.70 -8.52 14.10
CA PHE A 569 -1.40 -9.20 12.84
C PHE A 569 -0.32 -10.27 13.01
N ALA A 570 -0.22 -11.17 12.03
CA ALA A 570 0.69 -12.31 12.14
C ALA A 570 2.15 -11.93 11.83
N THR A 571 3.07 -12.50 12.61
CA THR A 571 4.49 -12.30 12.41
C THR A 571 5.17 -13.67 12.46
N SER A 572 6.47 -13.70 12.19
CA SER A 572 7.21 -14.94 12.40
C SER A 572 7.35 -15.19 13.89
N GLN A 573 7.52 -16.46 14.26
CA GLN A 573 7.57 -16.75 15.68
C GLN A 573 8.93 -16.34 16.26
N SER A 574 8.93 -16.00 17.53
CA SER A 574 10.09 -15.53 18.26
C SER A 574 9.65 -15.27 19.69
N LEU A 575 10.62 -15.18 20.59
CA LEU A 575 10.29 -15.00 21.98
C LEU A 575 9.59 -13.67 22.24
N LEU A 576 9.78 -12.68 21.36
CA LEU A 576 9.22 -11.36 21.57
C LEU A 576 7.87 -11.15 20.91
N ARG A 577 7.26 -12.20 20.37
CA ARG A 577 5.99 -12.10 19.66
C ARG A 577 5.00 -13.07 20.32
N VAL A 578 4.03 -12.52 21.05
CA VAL A 578 2.97 -13.26 21.75
C VAL A 578 1.89 -13.65 20.76
N GLN A 579 2.14 -14.75 20.06
CA GLN A 579 1.28 -15.22 18.97
C GLN A 579 0.99 -14.06 18.02
N GLY A 580 2.08 -13.49 17.51
CA GLY A 580 2.04 -12.41 16.53
C GLY A 580 2.31 -11.07 17.16
N ASN A 581 1.98 -10.03 16.38
CA ASN A 581 2.15 -8.65 16.84
C ASN A 581 0.86 -8.19 17.53
N LYS A 582 0.95 -7.86 18.81
CA LYS A 582 -0.20 -7.47 19.62
C LYS A 582 -0.24 -5.97 19.91
N LYS A 583 0.31 -5.14 19.04
CA LYS A 583 0.28 -3.70 19.22
C LYS A 583 -0.99 -3.04 18.66
N GLY A 584 -1.95 -3.83 18.21
CA GLY A 584 -3.16 -3.25 17.66
C GLY A 584 -3.95 -2.46 18.68
N LEU A 585 -4.69 -1.48 18.17
CA LEU A 585 -5.78 -0.91 18.96
C LEU A 585 -6.96 -1.87 18.98
N PHE A 586 -7.09 -2.66 17.93
CA PHE A 586 -8.08 -3.70 17.78
C PHE A 586 -7.42 -5.07 17.68
N THR A 587 -8.19 -6.11 18.01
CA THR A 587 -7.71 -7.48 17.85
C THR A 587 -7.67 -7.83 16.36
N ARG A 588 -7.11 -8.99 16.04
CA ARG A 588 -7.02 -9.35 14.63
C ARG A 588 -8.40 -9.46 13.97
N ASP A 589 -9.45 -9.75 14.75
CA ASP A 589 -10.84 -9.78 14.27
C ASP A 589 -11.60 -8.48 14.55
N ARG A 590 -10.88 -7.37 14.73
CA ARG A 590 -11.48 -6.05 14.70
C ARG A 590 -12.29 -5.72 15.94
N LYS A 591 -12.04 -6.42 17.05
CA LYS A 591 -12.75 -6.00 18.25
C LYS A 591 -11.91 -5.03 19.06
N PRO A 592 -12.50 -3.98 19.62
CA PRO A 592 -11.68 -2.90 20.20
C PRO A 592 -11.04 -3.26 21.53
N LYS A 593 -9.75 -2.92 21.68
CA LYS A 593 -9.15 -2.92 23.01
C LYS A 593 -9.53 -1.61 23.70
N MET A 594 -9.30 -1.55 25.02
CA MET A 594 -9.67 -0.35 25.75
C MET A 594 -9.09 0.89 25.09
N VAL A 595 -7.89 0.76 24.54
CA VAL A 595 -7.22 1.91 23.94
C VAL A 595 -7.99 2.44 22.74
N ALA A 596 -8.83 1.60 22.11
CA ALA A 596 -9.59 2.04 20.95
C ALA A 596 -10.66 3.02 21.35
N HIS A 597 -11.14 2.92 22.59
CA HIS A 597 -12.08 3.88 23.13
C HIS A 597 -11.38 5.13 23.63
N TYR A 598 -10.10 5.02 24.03
CA TYR A 598 -9.34 6.22 24.39
C TYR A 598 -9.12 7.10 23.16
N PHE A 599 -8.72 6.50 22.04
CA PHE A 599 -8.47 7.31 20.85
C PHE A 599 -9.76 7.90 20.31
N ARG A 600 -10.82 7.10 20.24
CA ARG A 600 -12.09 7.59 19.73
C ARG A 600 -12.55 8.84 20.49
N ASN A 601 -12.36 8.87 21.79
CA ASN A 601 -12.70 10.08 22.54
C ASN A 601 -11.72 11.22 22.21
N ARG A 602 -10.42 10.94 22.14
CA ARG A 602 -9.44 11.97 21.83
C ARG A 602 -9.61 12.49 20.41
N TRP A 603 -9.70 11.60 19.42
CA TRP A 603 -9.80 12.07 18.04
C TRP A 603 -11.10 12.82 17.79
N SER A 604 -12.17 12.53 18.54
CA SER A 604 -13.42 13.25 18.36
C SER A 604 -13.30 14.71 18.76
N ALA A 605 -12.31 15.06 19.58
CA ALA A 605 -12.10 16.43 20.01
C ALA A 605 -10.95 17.11 19.25
N ILE A 606 -10.60 16.60 18.06
CA ILE A 606 -9.47 17.11 17.29
C ILE A 606 -9.87 17.21 15.82
N PRO A 607 -9.82 18.41 15.22
CA PRO A 607 -10.32 18.58 13.86
C PRO A 607 -9.35 18.11 12.79
N GLU A 608 -9.93 17.73 11.65
CA GLU A 608 -9.11 17.49 10.46
C GLU A 608 -8.24 18.71 10.14
N PHE A 609 -8.76 19.92 10.36
CA PHE A 609 -8.08 21.15 9.97
C PHE A 609 -8.02 22.12 11.15
N GLY A 610 -6.94 22.90 11.20
CA GLY A 610 -6.81 23.96 12.17
C GLY A 610 -6.48 23.55 13.58
N TYR A 611 -6.28 22.27 13.86
CA TYR A 611 -5.82 21.85 15.18
C TYR A 611 -4.69 22.75 15.69
N LYS A 612 -3.81 23.23 14.81
CA LYS A 612 -2.91 24.35 15.17
C LYS A 612 -3.15 25.61 14.32
C10 WOF B . 14.41 -1.74 19.92
C17 WOF B . 10.58 -0.64 14.70
C21 WOF B . 6.91 -2.16 14.68
C22 WOF B . 7.30 -2.98 15.84
C12 WOF B . 13.34 -2.08 17.79
C14 WOF B . 12.72 -2.94 16.80
C19 WOF B . 8.84 -1.03 13.51
C25 WOF B . 7.00 -3.11 13.48
C27 WOF B . 7.07 -2.32 12.25
O28 WOF B . 6.96 -3.25 11.13
C29 WOF B . 8.35 -1.63 12.18
C01 WOF B . 15.22 2.32 22.76
C03 WOF B . 15.53 0.30 21.37
C04 WOF B . 15.49 -1.05 21.94
C05 WOF B . 16.09 -1.25 23.33
C06 WOF B . 16.38 -2.73 23.59
C07 WOF B . 15.20 -3.58 23.26
C08 WOF B . 14.86 -3.52 21.78
C09 WOF B . 14.93 -2.07 21.22
C11 WOF B . 13.77 -2.69 19.00
C16 WOF B . 11.52 -1.10 15.78
C31 WOF B . 10.59 -2.60 13.61
C32 WOF B . 11.62 -3.19 14.55
C36 WOF B . 14.49 -0.42 19.46
N02 WOF B . 16.11 1.37 22.12
N15 WOF B . 12.25 -2.33 15.55
N18 WOF B . 9.82 -1.61 14.18
N33 WOF B . 12.53 -4.24 17.06
N34 WOF B . 12.95 -4.74 18.23
N35 WOF B . 13.54 -4.02 19.16
N37 WOF B . 15.04 0.56 20.17
O20 WOF B . 7.75 -1.00 14.56
O23 WOF B . 8.48 -2.99 16.26
O24 WOF B . 6.41 -3.71 16.39
O26 WOF B . 5.83 -3.90 13.47
O30 WOF B . 8.13 -0.50 11.30
S13 WOF B . 13.77 -0.43 17.91
H172 WOF B . 11.22 -0.24 13.94
H171 WOF B . 9.93 0.19 15.15
H211 WOF B . 5.85 -1.82 14.80
H191 WOF B . 9.12 -0.01 13.30
H251 WOF B . 7.87 -3.75 13.58
H271 WOF B . 6.26 -1.60 12.22
H281 WOF B . 7.44 -3.97 11.32
H291 WOF B . 9.10 -2.29 11.70
H012 WOF B . 15.39 2.32 23.79
H013 WOF B . 14.21 2.03 22.56
H011 WOF B . 15.38 3.30 22.36
H051 WOF B . 17.05 -0.67 23.41
H052 WOF B . 15.39 -0.89 24.08
H062 WOF B . 16.64 -2.87 24.68
H061 WOF B . 17.19 -3.02 22.98
H071 WOF B . 14.35 -3.24 23.83
H072 WOF B . 15.42 -4.58 23.51
H082 WOF B . 13.88 -3.88 21.66
H081 WOF B . 15.55 -4.14 21.24
H161 WOF B . 12.23 -0.31 15.89
H162 WOF B . 10.96 -1.21 16.68
H312 WOF B . 11.10 -2.22 12.74
H311 WOF B . 9.93 -3.44 13.29
H322 WOF B . 12.43 -3.61 13.93
H321 WOF B . 11.12 -4.04 15.09
H021 WOF B . 17.14 1.47 22.19
H261 WOF B . 5.48 -3.97 12.54
H301 WOF B . 8.91 -0.34 10.76
C10 WR8 C . 16.51 -2.47 16.61
C11 WR8 C . 17.14 -2.25 17.94
C12 WR8 C . 17.50 -0.91 18.16
C14 WR8 C . 18.11 -0.61 19.41
C01 WR8 C . 15.63 -2.94 11.65
C03 WR8 C . 15.39 -2.55 14.10
C04 WR8 C . 15.50 -3.74 14.87
C05 WR8 C . 14.99 -5.04 14.25
C06 WR8 C . 15.71 -6.22 14.82
C07 WR8 C . 15.59 -6.26 16.33
C08 WR8 C . 16.20 -5.01 16.98
C09 WR8 C . 16.06 -3.73 16.11
C16 WR8 C . 17.98 1.89 18.93
C17 WR8 C . 18.15 3.15 19.59
C19 WR8 C . 20.13 2.47 20.66
C20 WR8 C . 19.93 1.05 20.19
C24 WR8 C . 16.38 -1.35 15.82
N02 WR8 C . 14.80 -2.56 12.78
N15 WR8 C . 18.50 0.74 19.73
N18 WR8 C . 19.56 3.38 19.76
N21 WR8 C . 18.31 -1.58 20.29
N22 WR8 C . 17.96 -2.82 20.01
N23 WR8 C . 17.39 -3.17 18.89
N25 WR8 C . 15.83 -1.41 14.61
S13 WR8 C . 17.04 -0.08 16.77
H011 WR8 C . 15.14 -3.74 11.10
H012 WR8 C . 16.58 -3.29 12.01
H013 WR8 C . 15.78 -2.08 10.99
H052 WR8 C . 13.93 -5.12 14.48
H051 WR8 C . 15.14 -5.02 13.19
H062 WR8 C . 16.77 -6.14 14.56
H061 WR8 C . 15.30 -7.12 14.40
H071 WR8 C . 16.09 -7.14 16.71
H072 WR8 C . 14.53 -6.30 16.59
H081 WR8 C . 17.25 -5.19 17.15
H082 WR8 C . 15.70 -4.83 17.93
H161 WR8 C . 16.92 1.74 18.75
H162 WR8 C . 18.52 1.92 17.99
H171 WR8 C . 17.66 3.11 20.55
H172 WR8 C . 17.71 3.93 18.98
H191 WR8 C . 19.63 2.59 21.61
H192 WR8 C . 21.18 2.67 20.76
H202 WR8 C . 20.18 0.38 21.01
H201 WR8 C . 20.60 0.86 19.36
H021 WR8 C . 13.84 -2.31 12.64
H181 WR8 C . 19.70 4.31 20.10
C1 GOL D . 3.56 -7.55 40.39
O1 GOL D . 3.94 -6.58 41.36
C2 GOL D . 4.50 -7.56 39.21
O2 GOL D . 3.87 -8.18 38.10
C3 GOL D . 4.97 -6.17 38.82
O3 GOL D . 5.59 -6.17 37.54
H11 GOL D . 2.55 -7.34 40.03
H12 GOL D . 3.56 -8.53 40.85
HO1 GOL D . 3.25 -5.89 41.39
H2 GOL D . 5.38 -8.14 39.48
HO2 GOL D . 3.28 -7.53 37.69
H31 GOL D . 5.68 -5.81 39.57
H32 GOL D . 4.12 -5.50 38.81
HO3 GOL D . 5.43 -7.04 37.16
C1 GOL E . -0.27 -8.10 37.43
O1 GOL E . -0.34 -9.51 37.53
C2 GOL E . 0.55 -7.49 38.55
O2 GOL E . 0.63 -6.08 38.37
C3 GOL E . 0.00 -7.81 39.91
O3 GOL E . 0.61 -8.97 40.47
H11 GOL E . -1.28 -7.68 37.47
H12 GOL E . 0.16 -7.82 36.47
HO1 GOL E . -0.97 -9.74 38.23
H2 GOL E . 1.55 -7.91 38.48
HO2 GOL E . -0.25 -5.72 38.54
H31 GOL E . -1.08 -7.97 39.84
H32 GOL E . 0.16 -6.95 40.58
HO3 GOL E . 0.71 -9.62 39.76
#